data_5MMQ
#
_entry.id   5MMQ
#
_cell.length_a   63.064
_cell.length_b   68.899
_cell.length_c   107.438
_cell.angle_alpha   90.00
_cell.angle_beta   90.00
_cell.angle_gamma   90.00
#
_symmetry.space_group_name_H-M   'P 21 21 21'
#
loop_
_entity.id
_entity.type
_entity.pdbx_description
1 polymer CSPYL1
2 water water
#
_entity_poly.entity_id   1
_entity_poly.type   'polypeptide(L)'
_entity_poly.pdbx_seq_one_letter_code
;MDNNKAEADTSSSMADPETRPTYTTHHLAIPSGVTQDEFDELKQSVVEFHTYQLSQNQCSSLLAQRIRAPNDVVWSIVRR
FDQPQTYKHFIKSCSVSDNFTMAVGSTRDVNVISGLPAATSTERLDILDDDRQVTGFSIIGGEHRLRNYRSVTSVHGFNR
DGAICTVVLESYVVDVPEGNTEEDTRLFADTVVKLNLQKLVSVAESQVI
;
_entity_poly.pdbx_strand_id   A,B
#
# COMPACT_ATOMS: atom_id res chain seq x y z
N PRO A 17 16.67 -42.56 -10.56
CA PRO A 17 15.40 -42.13 -9.96
C PRO A 17 15.09 -40.69 -10.31
N GLU A 18 13.94 -40.43 -10.92
CA GLU A 18 13.64 -39.06 -11.33
C GLU A 18 13.00 -38.29 -10.18
N THR A 19 13.39 -37.02 -10.07
CA THR A 19 12.97 -36.19 -8.96
C THR A 19 11.47 -35.87 -9.06
N ARG A 20 10.85 -35.68 -7.90
CA ARG A 20 9.40 -35.47 -7.79
C ARG A 20 9.13 -34.11 -7.17
N PRO A 21 8.77 -33.09 -7.96
CA PRO A 21 8.52 -31.77 -7.39
C PRO A 21 7.29 -31.75 -6.48
N THR A 22 7.32 -30.83 -5.52
CA THR A 22 6.16 -30.47 -4.71
C THR A 22 5.46 -29.28 -5.35
N TYR A 23 4.12 -29.30 -5.34
CA TYR A 23 3.32 -28.24 -5.93
C TYR A 23 2.45 -27.54 -4.88
N THR A 24 2.16 -26.26 -5.14
CA THR A 24 1.16 -25.54 -4.35
C THR A 24 -0.19 -26.21 -4.49
N THR A 25 -1.07 -25.97 -3.52
CA THR A 25 -2.41 -26.55 -3.50
C THR A 25 -3.47 -25.48 -3.21
N HIS A 26 -3.39 -24.36 -3.96
CA HIS A 26 -4.30 -23.24 -3.69
C HIS A 26 -5.76 -23.55 -4.00
N HIS A 27 -6.04 -24.64 -4.72
CA HIS A 27 -7.43 -25.00 -4.98
C HIS A 27 -8.14 -25.55 -3.75
N LEU A 28 -7.40 -25.85 -2.68
CA LEU A 28 -7.95 -26.43 -1.46
C LEU A 28 -8.33 -25.39 -0.40
N ALA A 29 -8.01 -24.12 -0.60
CA ALA A 29 -8.26 -23.08 0.40
C ALA A 29 -8.97 -21.90 -0.24
N ILE A 30 -10.17 -21.59 0.26
CA ILE A 30 -10.93 -20.44 -0.25
C ILE A 30 -10.19 -19.16 0.13
N PRO A 31 -9.80 -18.32 -0.83
CA PRO A 31 -9.21 -17.03 -0.43
C PRO A 31 -10.27 -16.10 0.11
N SER A 32 -9.85 -15.17 0.97
CA SER A 32 -10.75 -14.13 1.43
C SER A 32 -11.25 -13.32 0.24
N GLY A 33 -12.48 -12.88 0.31
CA GLY A 33 -13.02 -12.04 -0.73
C GLY A 33 -13.81 -12.75 -1.81
N VAL A 34 -13.93 -14.08 -1.73
CA VAL A 34 -14.85 -14.83 -2.56
C VAL A 34 -15.63 -15.79 -1.68
N THR A 35 -16.87 -16.06 -2.07
CA THR A 35 -17.69 -17.04 -1.38
C THR A 35 -17.33 -18.46 -1.78
N GLN A 36 -17.82 -19.41 -0.99
CA GLN A 36 -17.60 -20.82 -1.27
C GLN A 36 -18.09 -21.19 -2.66
N ASP A 37 -19.27 -20.71 -3.04
CA ASP A 37 -19.82 -21.07 -4.35
C ASP A 37 -19.10 -20.34 -5.49
N GLU A 38 -18.68 -19.09 -5.27
CA GLU A 38 -17.87 -18.41 -6.28
C GLU A 38 -16.58 -19.17 -6.53
N PHE A 39 -15.86 -19.52 -5.46
CA PHE A 39 -14.60 -20.22 -5.60
C PHE A 39 -14.77 -21.59 -6.26
N ASP A 40 -15.89 -22.27 -6.00
CA ASP A 40 -16.07 -23.58 -6.58
C ASP A 40 -16.02 -23.51 -8.11
N GLU A 41 -16.52 -22.41 -8.69
CA GLU A 41 -16.45 -22.20 -10.14
C GLU A 41 -15.03 -21.92 -10.63
N LEU A 42 -14.14 -21.50 -9.73
CA LEU A 42 -12.79 -21.09 -10.10
C LEU A 42 -11.72 -22.15 -9.85
N LYS A 43 -12.05 -23.22 -9.13
CA LYS A 43 -11.05 -24.21 -8.75
C LYS A 43 -10.32 -24.79 -9.96
N GLN A 44 -11.04 -25.08 -11.04
CA GLN A 44 -10.36 -25.63 -12.21
C GLN A 44 -9.33 -24.66 -12.76
N SER A 45 -9.67 -23.36 -12.79
CA SER A 45 -8.71 -22.36 -13.26
C SER A 45 -7.53 -22.24 -12.31
N VAL A 46 -7.75 -22.45 -11.02
CA VAL A 46 -6.63 -22.40 -10.06
C VAL A 46 -5.68 -23.57 -10.32
N VAL A 47 -6.24 -24.77 -10.51
CA VAL A 47 -5.42 -25.92 -10.87
C VAL A 47 -4.66 -25.68 -12.17
N GLU A 48 -5.34 -25.09 -13.17
CA GLU A 48 -4.71 -24.96 -14.49
C GLU A 48 -3.66 -23.86 -14.53
N PHE A 49 -3.89 -22.71 -13.86
CA PHE A 49 -3.03 -21.54 -14.02
C PHE A 49 -2.34 -21.02 -12.77
N HIS A 50 -2.81 -21.39 -11.58
CA HIS A 50 -2.29 -20.85 -10.33
C HIS A 50 -1.62 -21.94 -9.48
N THR A 51 -0.92 -22.86 -10.13
CA THR A 51 -0.18 -23.90 -9.45
C THR A 51 1.31 -23.71 -9.72
N TYR A 52 2.11 -23.67 -8.65
CA TYR A 52 3.54 -23.46 -8.75
C TYR A 52 4.30 -24.64 -8.18
N GLN A 53 5.51 -24.86 -8.66
CA GLN A 53 6.42 -25.75 -7.94
C GLN A 53 6.92 -25.02 -6.71
N LEU A 54 7.04 -25.74 -5.60
CA LEU A 54 7.34 -25.11 -4.32
C LEU A 54 8.51 -25.83 -3.67
N SER A 55 9.62 -25.12 -3.48
CA SER A 55 10.72 -25.60 -2.64
C SER A 55 10.57 -25.12 -1.19
N GLN A 56 11.39 -25.70 -0.31
CA GLN A 56 11.34 -25.30 1.10
C GLN A 56 11.73 -23.83 1.31
N ASN A 57 12.49 -23.21 0.40
CA ASN A 57 12.86 -21.81 0.55
C ASN A 57 11.90 -20.86 -0.17
N GLN A 58 10.70 -21.33 -0.53
CA GLN A 58 9.73 -20.53 -1.26
C GLN A 58 8.44 -20.39 -0.47
N CYS A 59 7.66 -19.39 -0.81
CA CYS A 59 6.31 -19.30 -0.31
C CYS A 59 5.41 -18.84 -1.44
N SER A 60 4.11 -19.11 -1.29
CA SER A 60 3.18 -18.84 -2.38
C SER A 60 1.82 -18.53 -1.79
N SER A 61 1.06 -17.67 -2.47
CA SER A 61 -0.25 -17.27 -1.99
C SER A 61 -1.19 -17.02 -3.15
N LEU A 62 -2.50 -17.19 -2.91
CA LEU A 62 -3.55 -16.87 -3.87
C LEU A 62 -4.48 -15.85 -3.25
N LEU A 63 -4.70 -14.73 -3.94
CA LEU A 63 -5.58 -13.66 -3.49
C LEU A 63 -6.71 -13.47 -4.49
N ALA A 64 -7.84 -12.93 -4.00
CA ALA A 64 -9.02 -12.73 -4.82
C ALA A 64 -9.62 -11.35 -4.56
N GLN A 65 -10.34 -10.84 -5.57
CA GLN A 65 -11.01 -9.55 -5.44
C GLN A 65 -12.21 -9.51 -6.37
N ARG A 66 -13.39 -9.24 -5.80
CA ARG A 66 -14.61 -9.04 -6.57
C ARG A 66 -14.63 -7.60 -7.12
N ILE A 67 -15.07 -7.46 -8.37
CA ILE A 67 -15.11 -6.17 -9.06
C ILE A 67 -16.44 -6.03 -9.79
N ARG A 68 -17.17 -4.94 -9.53
CA ARG A 68 -18.45 -4.68 -10.19
C ARG A 68 -18.21 -4.02 -11.54
N ALA A 69 -17.76 -4.83 -12.51
CA ALA A 69 -17.43 -4.35 -13.85
C ALA A 69 -17.42 -5.54 -14.79
N PRO A 70 -17.64 -5.32 -16.09
CA PRO A 70 -17.54 -6.41 -17.07
C PRO A 70 -16.12 -6.99 -17.10
N ASN A 71 -16.03 -8.31 -17.26
CA ASN A 71 -14.71 -8.95 -17.24
C ASN A 71 -13.84 -8.52 -18.44
N ASP A 72 -14.44 -8.23 -19.59
CA ASP A 72 -13.63 -7.74 -20.71
C ASP A 72 -12.97 -6.40 -20.40
N VAL A 73 -13.65 -5.54 -19.62
CA VAL A 73 -13.07 -4.27 -19.19
C VAL A 73 -11.91 -4.50 -18.22
N VAL A 74 -12.13 -5.38 -17.23
CA VAL A 74 -11.06 -5.70 -16.30
C VAL A 74 -9.87 -6.31 -17.04
N TRP A 75 -10.13 -7.24 -17.96
CA TRP A 75 -9.04 -7.85 -18.71
C TRP A 75 -8.24 -6.81 -19.49
N SER A 76 -8.92 -5.86 -20.13
CA SER A 76 -8.17 -4.87 -20.91
C SER A 76 -7.24 -4.04 -20.02
N ILE A 77 -7.57 -3.90 -18.73
CA ILE A 77 -6.68 -3.19 -17.82
C ILE A 77 -5.48 -4.05 -17.44
N VAL A 78 -5.72 -5.28 -16.97
CA VAL A 78 -4.60 -6.09 -16.46
C VAL A 78 -3.76 -6.70 -17.57
N ARG A 79 -4.26 -6.72 -18.80
CA ARG A 79 -3.49 -7.19 -19.96
C ARG A 79 -2.39 -6.20 -20.36
N ARG A 80 -2.49 -4.93 -19.98
CA ARG A 80 -1.57 -3.86 -20.44
C ARG A 80 -0.20 -4.02 -19.78
N PHE A 81 0.61 -4.91 -20.36
CA PHE A 81 1.89 -5.24 -19.73
C PHE A 81 2.83 -4.04 -19.64
N ASP A 82 2.72 -3.09 -20.56
CA ASP A 82 3.60 -1.92 -20.52
C ASP A 82 3.15 -0.87 -19.51
N GLN A 83 1.97 -0.98 -18.91
CA GLN A 83 1.45 0.05 -18.00
C GLN A 83 0.93 -0.54 -16.70
N PRO A 84 1.79 -1.20 -15.91
CA PRO A 84 1.31 -1.74 -14.64
C PRO A 84 0.94 -0.66 -13.62
N GLN A 85 1.50 0.55 -13.74
CA GLN A 85 1.22 1.59 -12.74
C GLN A 85 -0.24 2.02 -12.74
N THR A 86 -1.00 1.70 -13.79
CA THR A 86 -2.41 2.05 -13.81
C THR A 86 -3.19 1.32 -12.71
N TYR A 87 -2.78 0.10 -12.36
CA TYR A 87 -3.51 -0.65 -11.35
C TYR A 87 -2.61 -1.12 -10.21
N LYS A 88 -1.37 -0.64 -10.12
CA LYS A 88 -0.50 -0.98 -9.01
C LYS A 88 0.03 0.27 -8.36
N HIS A 89 0.26 0.19 -7.05
CA HIS A 89 0.91 1.23 -6.28
C HIS A 89 2.43 1.06 -6.34
N PHE A 90 3.14 2.08 -5.86
CA PHE A 90 4.59 2.07 -5.66
C PHE A 90 5.36 1.86 -6.96
N ILE A 91 4.83 2.33 -8.08
CA ILE A 91 5.57 2.31 -9.33
C ILE A 91 5.74 3.74 -9.79
N LYS A 92 6.99 4.20 -9.88
CA LYS A 92 7.27 5.55 -10.35
C LYS A 92 7.09 5.65 -11.86
N SER A 93 7.64 4.68 -12.59
CA SER A 93 7.51 4.66 -14.04
C SER A 93 7.77 3.25 -14.54
N CYS A 94 7.42 3.01 -15.79
CA CYS A 94 7.66 1.72 -16.44
C CYS A 94 8.02 1.94 -17.89
N SER A 95 9.16 1.43 -18.32
CA SER A 95 9.57 1.59 -19.71
C SER A 95 9.64 0.23 -20.40
N VAL A 96 9.35 0.24 -21.69
CA VAL A 96 9.57 -0.91 -22.55
C VAL A 96 10.43 -0.46 -23.73
N SER A 97 10.99 -1.44 -24.43
CA SER A 97 11.94 -1.09 -25.48
C SER A 97 11.25 -0.39 -26.65
N ASP A 98 12.07 0.29 -27.47
CA ASP A 98 11.56 0.95 -28.66
C ASP A 98 10.98 -0.05 -29.67
N ASN A 99 11.29 -1.33 -29.55
CA ASN A 99 10.76 -2.37 -30.43
C ASN A 99 9.82 -3.32 -29.70
N PHE A 100 9.22 -2.87 -28.59
CA PHE A 100 8.40 -3.72 -27.75
C PHE A 100 7.24 -4.34 -28.51
N THR A 101 7.01 -5.64 -28.29
CA THR A 101 5.82 -6.33 -28.74
C THR A 101 5.07 -6.90 -27.54
N MET A 102 3.75 -6.89 -27.64
CA MET A 102 2.88 -7.43 -26.61
C MET A 102 2.84 -8.94 -26.84
N ALA A 103 3.90 -9.62 -26.38
CA ALA A 103 4.06 -11.04 -26.64
C ALA A 103 4.87 -11.69 -25.52
N VAL A 104 4.58 -12.96 -25.27
CA VAL A 104 5.33 -13.75 -24.29
C VAL A 104 6.80 -13.65 -24.60
N GLY A 105 7.61 -13.40 -23.56
CA GLY A 105 9.03 -13.23 -23.70
C GLY A 105 9.49 -11.78 -23.71
N SER A 106 8.59 -10.85 -24.03
CA SER A 106 8.93 -9.43 -23.93
C SER A 106 9.10 -9.03 -22.48
N THR A 107 9.81 -7.92 -22.25
CA THR A 107 10.10 -7.49 -20.89
C THR A 107 9.70 -6.04 -20.70
N ARG A 108 9.73 -5.63 -19.43
CA ARG A 108 9.48 -4.25 -19.04
C ARG A 108 10.44 -3.92 -17.90
N ASP A 109 10.81 -2.66 -17.77
CA ASP A 109 11.67 -2.18 -16.68
C ASP A 109 10.83 -1.31 -15.76
N VAL A 110 10.60 -1.78 -14.54
CA VAL A 110 9.73 -1.09 -13.60
C VAL A 110 10.60 -0.34 -12.59
N ASN A 111 10.35 0.97 -12.46
CA ASN A 111 11.05 1.81 -11.49
C ASN A 111 10.19 1.89 -10.24
N VAL A 112 10.64 1.23 -9.16
CA VAL A 112 9.84 0.98 -7.98
C VAL A 112 10.02 2.11 -6.96
N ILE A 113 8.94 2.46 -6.26
CA ILE A 113 8.98 3.44 -5.18
C ILE A 113 9.19 2.66 -3.89
N SER A 114 10.35 2.83 -3.25
CA SER A 114 10.63 2.04 -2.05
C SER A 114 11.29 2.79 -0.90
N GLY A 115 11.69 4.04 -1.08
CA GLY A 115 12.43 4.70 -0.04
C GLY A 115 13.89 4.30 0.02
N LEU A 116 14.36 3.57 -0.98
CA LEU A 116 15.76 3.20 -1.15
C LEU A 116 16.20 3.90 -2.42
N PRO A 117 17.50 3.93 -2.75
CA PRO A 117 17.91 4.58 -4.00
C PRO A 117 17.26 3.89 -5.20
N ALA A 118 17.25 4.60 -6.33
CA ALA A 118 16.50 4.17 -7.50
C ALA A 118 16.83 2.73 -7.86
N ALA A 119 15.78 1.92 -8.08
CA ALA A 119 15.94 0.51 -8.36
C ALA A 119 15.00 0.08 -9.48
N THR A 120 15.57 -0.56 -10.51
CA THR A 120 14.80 -1.04 -11.64
C THR A 120 14.60 -2.55 -11.53
N SER A 121 13.35 -2.97 -11.68
CA SER A 121 12.93 -4.37 -11.66
C SER A 121 12.60 -4.77 -13.10
N THR A 122 13.40 -5.69 -13.68
CA THR A 122 13.13 -6.19 -15.03
C THR A 122 12.20 -7.41 -14.95
N GLU A 123 11.09 -7.32 -15.66
CA GLU A 123 10.03 -8.32 -15.59
C GLU A 123 9.74 -8.87 -16.98
N ARG A 124 9.50 -10.17 -17.07
CA ARG A 124 9.25 -10.86 -18.34
C ARG A 124 7.81 -11.34 -18.42
N LEU A 125 7.17 -11.10 -19.57
CA LEU A 125 5.82 -11.61 -19.78
C LEU A 125 5.83 -13.13 -20.04
N ASP A 126 5.14 -13.89 -19.19
CA ASP A 126 5.16 -15.36 -19.22
C ASP A 126 3.95 -15.95 -19.93
N ILE A 127 2.78 -15.35 -19.73
CA ILE A 127 1.52 -15.87 -20.24
C ILE A 127 0.70 -14.68 -20.74
N LEU A 128 0.09 -14.86 -21.92
CA LEU A 128 -0.82 -13.85 -22.44
C LEU A 128 -1.91 -14.64 -23.18
N ASP A 129 -2.98 -14.96 -22.46
CA ASP A 129 -4.03 -15.84 -22.98
C ASP A 129 -5.34 -15.05 -23.10
N ASP A 130 -5.65 -14.62 -24.33
CA ASP A 130 -6.84 -13.79 -24.53
C ASP A 130 -8.14 -14.59 -24.47
N ASP A 131 -8.09 -15.90 -24.70
CA ASP A 131 -9.32 -16.70 -24.62
C ASP A 131 -9.76 -16.93 -23.18
N ARG A 132 -8.83 -17.23 -22.28
CA ARG A 132 -9.17 -17.48 -20.89
C ARG A 132 -8.98 -16.24 -20.03
N GLN A 133 -8.42 -15.16 -20.58
CA GLN A 133 -8.11 -13.93 -19.86
C GLN A 133 -7.19 -14.22 -18.67
N VAL A 134 -6.01 -14.72 -19.01
CA VAL A 134 -4.97 -15.05 -18.03
C VAL A 134 -3.68 -14.39 -18.49
N THR A 135 -2.96 -13.75 -17.58
CA THR A 135 -1.63 -13.24 -17.88
C THR A 135 -0.72 -13.49 -16.69
N GLY A 136 0.58 -13.43 -16.92
CA GLY A 136 1.50 -13.62 -15.81
C GLY A 136 2.88 -13.17 -16.17
N PHE A 137 3.70 -12.95 -15.14
CA PHE A 137 5.04 -12.42 -15.37
C PHE A 137 6.01 -12.98 -14.34
N SER A 138 7.29 -12.83 -14.62
CA SER A 138 8.37 -13.21 -13.70
C SER A 138 9.32 -12.03 -13.53
N ILE A 139 9.83 -11.84 -12.32
CA ILE A 139 10.89 -10.84 -12.12
C ILE A 139 12.21 -11.54 -12.38
N ILE A 140 12.96 -11.05 -13.39
CA ILE A 140 14.18 -11.71 -13.81
C ILE A 140 15.44 -10.97 -13.38
N GLY A 141 15.32 -9.71 -12.95
CA GLY A 141 16.47 -9.04 -12.36
C GLY A 141 16.05 -7.79 -11.60
N GLY A 142 16.84 -7.45 -10.56
CA GLY A 142 16.79 -6.15 -9.93
C GLY A 142 15.90 -5.97 -8.71
N GLU A 143 15.04 -6.93 -8.36
CA GLU A 143 14.20 -6.78 -7.17
C GLU A 143 14.58 -7.83 -6.13
N HIS A 144 15.19 -7.39 -5.03
CA HIS A 144 15.79 -8.30 -4.07
C HIS A 144 14.85 -8.70 -2.92
N ARG A 145 13.85 -7.88 -2.61
CA ARG A 145 12.82 -8.33 -1.67
C ARG A 145 12.08 -9.55 -2.22
N LEU A 146 11.97 -9.66 -3.55
CA LEU A 146 11.17 -10.69 -4.21
C LEU A 146 12.00 -11.42 -5.27
N ARG A 147 13.05 -12.14 -4.83
CA ARG A 147 13.84 -12.91 -5.79
C ARG A 147 13.04 -14.08 -6.37
N ASN A 148 13.18 -14.28 -7.69
CA ASN A 148 12.50 -15.34 -8.43
C ASN A 148 10.98 -15.26 -8.28
N TYR A 149 10.47 -14.04 -8.12
CA TYR A 149 9.02 -13.82 -8.10
C TYR A 149 8.39 -14.26 -9.42
N ARG A 150 7.32 -15.03 -9.33
CA ARG A 150 6.54 -15.41 -10.51
C ARG A 150 5.07 -15.27 -10.14
N SER A 151 4.29 -14.63 -11.01
CA SER A 151 2.92 -14.28 -10.67
C SER A 151 1.98 -14.54 -11.84
N VAL A 152 0.72 -14.84 -11.52
CA VAL A 152 -0.32 -15.09 -12.51
C VAL A 152 -1.59 -14.36 -12.07
N THR A 153 -2.25 -13.69 -13.02
CA THR A 153 -3.54 -13.05 -12.79
C THR A 153 -4.57 -13.59 -13.78
N SER A 154 -5.74 -13.97 -13.28
CA SER A 154 -6.80 -14.45 -14.15
C SER A 154 -8.09 -13.69 -13.84
N VAL A 155 -8.91 -13.53 -14.87
CA VAL A 155 -10.14 -12.73 -14.80
C VAL A 155 -11.33 -13.64 -15.07
N HIS A 156 -12.39 -13.49 -14.27
CA HIS A 156 -13.52 -14.41 -14.32
C HIS A 156 -14.82 -13.64 -14.21
N GLY A 157 -15.66 -13.74 -15.23
CA GLY A 157 -16.95 -13.07 -15.23
C GLY A 157 -18.05 -14.00 -14.75
N PHE A 158 -18.93 -13.46 -13.89
CA PHE A 158 -20.11 -14.15 -13.39
C PHE A 158 -21.34 -13.33 -13.76
N ASN A 159 -22.41 -13.99 -14.21
CA ASN A 159 -23.69 -13.29 -14.37
C ASN A 159 -24.40 -13.27 -13.02
N ARG A 160 -24.60 -12.08 -12.46
CA ARG A 160 -25.10 -11.94 -11.09
C ARG A 160 -26.17 -10.85 -11.05
N ASP A 161 -27.41 -11.26 -10.81
CA ASP A 161 -28.56 -10.37 -10.72
C ASP A 161 -28.59 -9.40 -11.92
N GLY A 162 -28.48 -9.96 -13.12
CA GLY A 162 -28.61 -9.18 -14.34
C GLY A 162 -27.39 -8.37 -14.77
N ALA A 163 -26.30 -8.40 -14.01
CA ALA A 163 -25.07 -7.68 -14.36
C ALA A 163 -23.88 -8.62 -14.26
N ILE A 164 -22.81 -8.28 -15.00
CA ILE A 164 -21.58 -9.06 -14.85
C ILE A 164 -20.86 -8.63 -13.59
N CYS A 165 -20.52 -9.60 -12.74
CA CYS A 165 -19.63 -9.41 -11.60
C CYS A 165 -18.34 -10.16 -11.90
N THR A 166 -17.21 -9.51 -11.71
CA THR A 166 -15.91 -10.09 -12.04
C THR A 166 -15.15 -10.45 -10.78
N VAL A 167 -14.52 -11.63 -10.78
CA VAL A 167 -13.54 -12.00 -9.77
C VAL A 167 -12.17 -12.02 -10.44
N VAL A 168 -11.21 -11.34 -9.83
CA VAL A 168 -9.81 -11.43 -10.23
C VAL A 168 -9.08 -12.30 -9.21
N LEU A 169 -8.30 -13.25 -9.72
CA LEU A 169 -7.42 -14.08 -8.91
C LEU A 169 -5.99 -13.69 -9.22
N GLU A 170 -5.19 -13.48 -8.19
CA GLU A 170 -3.80 -13.16 -8.37
C GLU A 170 -2.99 -14.01 -7.40
N SER A 171 -2.01 -14.73 -7.93
CA SER A 171 -1.16 -15.61 -7.14
C SER A 171 0.30 -15.29 -7.42
N TYR A 172 1.17 -15.77 -6.54
CA TYR A 172 2.60 -15.65 -6.77
C TYR A 172 3.31 -16.79 -6.08
N VAL A 173 4.55 -17.03 -6.51
CA VAL A 173 5.52 -17.81 -5.74
C VAL A 173 6.77 -16.94 -5.67
N VAL A 174 7.50 -17.02 -4.56
CA VAL A 174 8.66 -16.15 -4.38
C VAL A 174 9.63 -16.84 -3.43
N ASP A 175 10.92 -16.50 -3.55
CA ASP A 175 11.93 -17.01 -2.63
C ASP A 175 11.84 -16.26 -1.30
N VAL A 176 12.08 -16.96 -0.20
CA VAL A 176 12.22 -16.32 1.11
C VAL A 176 13.70 -15.99 1.31
N PRO A 177 14.07 -14.70 1.41
CA PRO A 177 15.49 -14.37 1.58
C PRO A 177 16.05 -14.96 2.87
N GLU A 178 17.35 -15.25 2.87
CA GLU A 178 18.00 -15.72 4.08
C GLU A 178 17.95 -14.62 5.14
N GLY A 179 17.63 -15.00 6.36
CA GLY A 179 17.39 -14.04 7.42
C GLY A 179 15.96 -13.53 7.50
N ASN A 180 15.10 -13.90 6.56
CA ASN A 180 13.68 -13.63 6.62
C ASN A 180 12.98 -14.88 7.09
N THR A 181 11.81 -14.71 7.70
CA THR A 181 10.93 -15.82 7.96
C THR A 181 9.93 -15.91 6.83
N GLU A 182 9.34 -17.09 6.67
CA GLU A 182 8.35 -17.29 5.63
C GLU A 182 7.15 -16.38 5.87
N GLU A 183 6.67 -16.33 7.12
CA GLU A 183 5.52 -15.51 7.47
C GLU A 183 5.72 -14.05 7.08
N ASP A 184 6.91 -13.50 7.36
CA ASP A 184 7.15 -12.10 7.05
C ASP A 184 7.13 -11.84 5.55
N THR A 185 7.77 -12.72 4.76
CA THR A 185 7.78 -12.55 3.32
C THR A 185 6.37 -12.62 2.76
N ARG A 186 5.60 -13.62 3.20
CA ARG A 186 4.23 -13.77 2.75
C ARG A 186 3.39 -12.57 3.13
N LEU A 187 3.53 -12.09 4.37
CA LEU A 187 2.76 -10.94 4.82
C LEU A 187 3.03 -9.72 3.94
N PHE A 188 4.30 -9.49 3.58
CA PHE A 188 4.63 -8.37 2.72
C PHE A 188 4.05 -8.54 1.32
N ALA A 189 4.33 -9.67 0.67
CA ALA A 189 3.85 -9.89 -0.69
C ALA A 189 2.32 -9.88 -0.76
N ASP A 190 1.67 -10.52 0.22
CA ASP A 190 0.20 -10.50 0.26
C ASP A 190 -0.36 -9.10 0.41
N THR A 191 0.24 -8.28 1.27
CA THR A 191 -0.27 -6.92 1.45
C THR A 191 -0.15 -6.12 0.16
N VAL A 192 0.97 -6.25 -0.54
CA VAL A 192 1.16 -5.53 -1.79
C VAL A 192 0.09 -5.93 -2.80
N VAL A 193 -0.11 -7.24 -2.99
CA VAL A 193 -1.11 -7.71 -3.94
C VAL A 193 -2.51 -7.24 -3.56
N LYS A 194 -2.87 -7.33 -2.27
CA LYS A 194 -4.19 -6.88 -1.84
C LYS A 194 -4.42 -5.42 -2.14
N LEU A 195 -3.43 -4.57 -1.83
CA LEU A 195 -3.58 -3.14 -2.08
C LEU A 195 -3.69 -2.86 -3.58
N ASN A 196 -2.92 -3.58 -4.40
CA ASN A 196 -3.02 -3.39 -5.83
C ASN A 196 -4.38 -3.82 -6.36
N LEU A 197 -4.94 -4.91 -5.83
CA LEU A 197 -6.28 -5.31 -6.25
C LEU A 197 -7.33 -4.26 -5.87
N GLN A 198 -7.16 -3.58 -4.73
CA GLN A 198 -8.05 -2.47 -4.39
C GLN A 198 -7.92 -1.33 -5.40
N LYS A 199 -6.71 -1.03 -5.84
CA LYS A 199 -6.55 0.00 -6.87
C LYS A 199 -7.19 -0.42 -8.18
N LEU A 200 -7.07 -1.71 -8.54
CA LEU A 200 -7.75 -2.21 -9.73
C LEU A 200 -9.26 -2.00 -9.62
N VAL A 201 -9.85 -2.25 -8.45
CA VAL A 201 -11.27 -1.96 -8.26
C VAL A 201 -11.57 -0.50 -8.56
N SER A 202 -10.75 0.42 -8.04
CA SER A 202 -11.00 1.85 -8.24
C SER A 202 -10.98 2.22 -9.71
N VAL A 203 -10.06 1.61 -10.46
CA VAL A 203 -9.92 1.94 -11.88
C VAL A 203 -11.02 1.32 -12.71
N ALA A 204 -11.38 0.06 -12.43
CA ALA A 204 -12.33 -0.64 -13.30
C ALA A 204 -13.77 -0.23 -13.04
N GLU A 205 -14.15 0.01 -11.79
CA GLU A 205 -15.54 0.32 -11.49
C GLU A 205 -15.87 1.76 -11.91
N SER A 206 -17.12 1.97 -12.31
CA SER A 206 -17.52 3.25 -12.87
C SER A 206 -18.37 4.05 -11.88
N THR B 19 19.57 28.04 -3.34
CA THR B 19 19.20 28.15 -1.94
C THR B 19 17.99 27.26 -1.58
N ARG B 20 18.09 26.62 -0.43
CA ARG B 20 17.10 25.68 0.11
C ARG B 20 16.27 26.29 1.26
N PRO B 21 15.03 25.90 1.40
CA PRO B 21 14.21 26.46 2.50
C PRO B 21 14.67 26.00 3.86
N THR B 22 14.39 26.84 4.86
CA THR B 22 14.65 26.51 6.26
C THR B 22 13.38 26.26 7.06
N TYR B 23 12.21 26.36 6.45
CA TYR B 23 10.96 26.06 7.13
C TYR B 23 9.91 25.72 6.08
N THR B 24 8.88 25.03 6.50
CA THR B 24 7.82 24.66 5.58
C THR B 24 6.80 25.78 5.44
N THR B 25 6.06 25.75 4.33
CA THR B 25 5.00 26.71 4.05
C THR B 25 3.77 25.99 3.50
N HIS B 26 3.35 24.91 4.20
CA HIS B 26 2.25 24.10 3.68
C HIS B 26 0.93 24.86 3.66
N HIS B 27 0.82 26.00 4.36
CA HIS B 27 -0.41 26.76 4.33
C HIS B 27 -0.62 27.49 3.01
N LEU B 28 0.39 27.51 2.13
CA LEU B 28 0.30 28.18 0.85
C LEU B 28 -0.09 27.25 -0.30
N ALA B 29 -0.08 25.94 -0.09
CA ALA B 29 -0.31 24.99 -1.16
C ALA B 29 -1.43 24.04 -0.77
N ILE B 30 -2.53 24.10 -1.50
CA ILE B 30 -3.69 23.27 -1.23
C ILE B 30 -3.35 21.80 -1.50
N PRO B 31 -3.55 20.92 -0.53
CA PRO B 31 -3.31 19.49 -0.79
C PRO B 31 -4.44 18.92 -1.64
N SER B 32 -4.12 17.87 -2.39
CA SER B 32 -5.16 17.19 -3.13
C SER B 32 -6.17 16.59 -2.15
N GLY B 33 -7.44 16.56 -2.57
CA GLY B 33 -8.48 15.95 -1.76
C GLY B 33 -9.29 16.90 -0.90
N VAL B 34 -9.04 18.20 -0.97
CA VAL B 34 -9.89 19.20 -0.32
C VAL B 34 -10.16 20.32 -1.29
N THR B 35 -11.32 20.96 -1.12
CA THR B 35 -11.65 22.11 -1.94
C THR B 35 -10.98 23.36 -1.39
N GLN B 36 -10.94 24.42 -2.22
CA GLN B 36 -10.36 25.68 -1.78
C GLN B 36 -11.12 26.25 -0.58
N ASP B 37 -12.45 26.14 -0.57
CA ASP B 37 -13.19 26.67 0.58
C ASP B 37 -12.91 25.87 1.84
N GLU B 38 -12.77 24.55 1.71
CA GLU B 38 -12.36 23.74 2.86
C GLU B 38 -10.99 24.17 3.34
N PHE B 39 -10.02 24.27 2.42
CA PHE B 39 -8.67 24.61 2.83
C PHE B 39 -8.60 25.98 3.50
N ASP B 40 -9.39 26.96 3.02
CA ASP B 40 -9.33 28.28 3.63
C ASP B 40 -9.64 28.22 5.12
N GLU B 41 -10.55 27.32 5.52
CA GLU B 41 -10.89 27.13 6.92
C GLU B 41 -9.79 26.41 7.70
N LEU B 42 -8.88 25.73 7.02
CA LEU B 42 -7.84 24.92 7.66
C LEU B 42 -6.48 25.60 7.74
N LYS B 43 -6.27 26.71 7.02
CA LYS B 43 -4.94 27.32 6.95
C LYS B 43 -4.38 27.67 8.33
N GLN B 44 -5.23 28.19 9.22
CA GLN B 44 -4.73 28.55 10.55
C GLN B 44 -4.23 27.31 11.29
N SER B 45 -4.93 26.19 11.16
CA SER B 45 -4.47 24.95 11.79
C SER B 45 -3.17 24.46 11.16
N VAL B 46 -2.97 24.68 9.86
CA VAL B 46 -1.72 24.27 9.24
C VAL B 46 -0.56 25.09 9.79
N VAL B 47 -0.77 26.43 9.89
CA VAL B 47 0.22 27.30 10.50
C VAL B 47 0.50 26.87 11.95
N GLU B 48 -0.54 26.54 12.70
CA GLU B 48 -0.32 26.25 14.12
C GLU B 48 0.34 24.89 14.36
N PHE B 49 -0.06 23.85 13.63
CA PHE B 49 0.34 22.48 13.96
C PHE B 49 1.18 21.77 12.90
N HIS B 50 1.16 22.22 11.64
CA HIS B 50 1.83 21.53 10.55
C HIS B 50 2.96 22.36 9.95
N THR B 51 3.69 23.09 10.77
CA THR B 51 4.85 23.88 10.34
C THR B 51 6.12 23.28 10.93
N TYR B 52 7.10 23.04 10.08
CA TYR B 52 8.36 22.45 10.51
C TYR B 52 9.53 23.35 10.13
N GLN B 53 10.51 23.45 11.02
CA GLN B 53 11.84 23.88 10.58
C GLN B 53 12.50 22.77 9.78
N LEU B 54 13.37 23.17 8.84
CA LEU B 54 13.99 22.26 7.89
C LEU B 54 15.50 22.44 7.88
N SER B 55 16.23 21.35 8.11
CA SER B 55 17.65 21.33 7.80
C SER B 55 17.81 21.05 6.30
N GLN B 56 19.04 21.24 5.80
CA GLN B 56 19.25 21.14 4.36
C GLN B 56 19.01 19.73 3.82
N ASN B 57 19.03 18.71 4.68
CA ASN B 57 18.84 17.34 4.25
C ASN B 57 17.44 16.79 4.56
N GLN B 58 16.45 17.67 4.77
CA GLN B 58 15.10 17.23 5.14
C GLN B 58 14.11 17.58 4.05
N CYS B 59 12.98 16.86 4.06
CA CYS B 59 11.86 17.16 3.19
C CYS B 59 10.56 16.99 3.98
N SER B 60 9.49 17.59 3.47
CA SER B 60 8.26 17.62 4.24
C SER B 60 7.06 17.68 3.29
N SER B 61 5.93 17.11 3.73
CA SER B 61 4.74 17.09 2.90
C SER B 61 3.50 17.22 3.78
N LEU B 62 2.42 17.73 3.21
CA LEU B 62 1.12 17.79 3.86
C LEU B 62 0.09 17.09 2.98
N LEU B 63 -0.63 16.13 3.57
CA LEU B 63 -1.66 15.37 2.87
C LEU B 63 -3.00 15.56 3.56
N ALA B 64 -4.08 15.36 2.80
CA ALA B 64 -5.43 15.52 3.33
C ALA B 64 -6.32 14.38 2.86
N GLN B 65 -7.39 14.15 3.62
CA GLN B 65 -8.37 13.12 3.29
C GLN B 65 -9.73 13.51 3.88
N ARG B 66 -10.75 13.58 3.03
CA ARG B 66 -12.12 13.78 3.48
C ARG B 66 -12.73 12.46 3.96
N ILE B 67 -13.50 12.52 5.05
CA ILE B 67 -14.12 11.35 5.65
C ILE B 67 -15.57 11.66 6.00
N ARG B 68 -16.51 10.86 5.49
CA ARG B 68 -17.92 11.05 5.81
C ARG B 68 -18.21 10.39 7.15
N ALA B 69 -17.79 11.06 8.21
CA ALA B 69 -17.98 10.55 9.57
C ALA B 69 -17.83 11.72 10.54
N PRO B 70 -18.43 11.62 11.73
CA PRO B 70 -18.23 12.64 12.77
C PRO B 70 -16.77 12.75 13.17
N ASN B 71 -16.31 13.99 13.41
CA ASN B 71 -14.90 14.16 13.76
C ASN B 71 -14.55 13.53 15.11
N ASP B 72 -15.49 13.46 16.06
CA ASP B 72 -15.18 12.78 17.32
C ASP B 72 -14.88 11.30 17.11
N VAL B 73 -15.58 10.67 16.16
CA VAL B 73 -15.33 9.26 15.84
C VAL B 73 -13.95 9.10 15.20
N VAL B 74 -13.63 9.94 14.21
CA VAL B 74 -12.33 9.85 13.57
C VAL B 74 -11.21 10.11 14.58
N TRP B 75 -11.39 11.12 15.43
CA TRP B 75 -10.40 11.40 16.47
C TRP B 75 -10.19 10.21 17.40
N SER B 76 -11.25 9.51 17.79
CA SER B 76 -11.07 8.37 18.69
C SER B 76 -10.23 7.27 18.04
N ILE B 77 -10.23 7.20 16.71
CA ILE B 77 -9.41 6.20 16.03
C ILE B 77 -7.95 6.62 16.00
N VAL B 78 -7.67 7.85 15.56
CA VAL B 78 -6.27 8.25 15.35
C VAL B 78 -5.58 8.60 16.67
N ARG B 79 -6.35 8.81 17.72
CA ARG B 79 -5.81 9.05 19.07
C ARG B 79 -5.25 7.78 19.70
N ARG B 80 -5.64 6.59 19.20
CA ARG B 80 -5.26 5.31 19.79
C ARG B 80 -3.80 5.01 19.50
N PHE B 81 -2.90 5.62 20.29
CA PHE B 81 -1.47 5.52 20.03
C PHE B 81 -0.97 4.08 20.12
N ASP B 82 -1.61 3.24 20.94
CA ASP B 82 -1.14 1.86 21.09
C ASP B 82 -1.60 0.94 19.95
N GLN B 83 -2.51 1.39 19.08
CA GLN B 83 -3.04 0.52 18.02
C GLN B 83 -3.01 1.20 16.66
N PRO B 84 -1.83 1.56 16.15
CA PRO B 84 -1.79 2.21 14.83
C PRO B 84 -2.21 1.30 13.70
N GLN B 85 -2.10 -0.03 13.88
CA GLN B 85 -2.43 -0.97 12.81
C GLN B 85 -3.91 -0.92 12.46
N THR B 86 -4.76 -0.33 13.30
CA THR B 86 -6.17 -0.20 12.96
C THR B 86 -6.38 0.68 11.73
N TYR B 87 -5.54 1.69 11.53
CA TYR B 87 -5.73 2.59 10.40
C TYR B 87 -4.48 2.73 9.52
N LYS B 88 -3.46 1.92 9.72
CA LYS B 88 -2.27 1.94 8.88
C LYS B 88 -1.98 0.56 8.31
N HIS B 89 -1.43 0.54 7.10
CA HIS B 89 -0.98 -0.69 6.47
C HIS B 89 0.47 -1.01 6.89
N PHE B 90 0.89 -2.23 6.57
CA PHE B 90 2.27 -2.68 6.74
C PHE B 90 2.71 -2.71 8.20
N ILE B 91 1.79 -2.96 9.12
CA ILE B 91 2.15 -3.13 10.52
C ILE B 91 1.79 -4.55 10.94
N LYS B 92 2.79 -5.32 11.33
CA LYS B 92 2.57 -6.68 11.80
C LYS B 92 1.96 -6.66 13.20
N SER B 93 2.56 -5.88 14.10
CA SER B 93 2.07 -5.77 15.46
C SER B 93 2.63 -4.49 16.07
N CYS B 94 2.07 -4.12 17.22
CA CYS B 94 2.51 -2.95 17.96
C CYS B 94 2.40 -3.25 19.44
N SER B 95 3.49 -3.10 20.18
CA SER B 95 3.46 -3.33 21.61
C SER B 95 3.75 -2.03 22.36
N VAL B 96 3.18 -1.91 23.55
CA VAL B 96 3.53 -0.86 24.47
C VAL B 96 3.92 -1.52 25.80
N SER B 97 4.56 -0.74 26.66
CA SER B 97 5.09 -1.32 27.88
C SER B 97 3.96 -1.71 28.83
N ASP B 98 4.33 -2.55 29.80
CA ASP B 98 3.40 -2.94 30.85
C ASP B 98 2.97 -1.77 31.72
N ASN B 99 3.70 -0.67 31.68
CA ASN B 99 3.36 0.51 32.46
C ASN B 99 2.97 1.69 31.57
N PHE B 100 2.52 1.40 30.35
CA PHE B 100 2.21 2.42 29.37
C PHE B 100 1.13 3.38 29.86
N THR B 101 1.36 4.67 29.64
CA THR B 101 0.36 5.70 29.82
C THR B 101 0.13 6.41 28.50
N MET B 102 -1.12 6.84 28.30
CA MET B 102 -1.54 7.59 27.12
C MET B 102 -1.19 9.06 27.37
N ALA B 103 0.10 9.38 27.21
CA ALA B 103 0.62 10.70 27.55
C ALA B 103 1.87 11.00 26.73
N VAL B 104 2.08 12.30 26.46
CA VAL B 104 3.25 12.76 25.73
C VAL B 104 4.51 12.20 26.38
N GLY B 105 5.42 11.67 25.54
CA GLY B 105 6.63 11.04 26.01
C GLY B 105 6.59 9.53 26.06
N SER B 106 5.38 8.94 26.12
CA SER B 106 5.27 7.50 26.06
C SER B 106 5.67 6.98 24.67
N THR B 107 6.02 5.70 24.60
CA THR B 107 6.50 5.14 23.33
C THR B 107 5.73 3.88 22.96
N ARG B 108 5.92 3.45 21.72
CA ARG B 108 5.37 2.20 21.21
C ARG B 108 6.42 1.55 20.32
N ASP B 109 6.37 0.22 20.24
CA ASP B 109 7.28 -0.56 19.39
C ASP B 109 6.48 -1.14 18.24
N VAL B 110 6.73 -0.67 17.03
CA VAL B 110 5.95 -1.06 15.85
C VAL B 110 6.76 -2.08 15.06
N ASN B 111 6.14 -3.23 14.78
CA ASN B 111 6.75 -4.27 13.96
C ASN B 111 6.29 -4.07 12.51
N VAL B 112 7.21 -3.62 11.65
CA VAL B 112 6.84 -3.16 10.32
C VAL B 112 6.94 -4.32 9.32
N ILE B 113 6.00 -4.34 8.38
CA ILE B 113 5.98 -5.33 7.31
C ILE B 113 6.73 -4.73 6.12
N SER B 114 7.89 -5.29 5.79
CA SER B 114 8.67 -4.70 4.70
C SER B 114 9.30 -5.69 3.73
N GLY B 115 9.23 -6.98 3.96
CA GLY B 115 9.97 -7.89 3.11
C GLY B 115 11.44 -7.95 3.40
N LEU B 116 11.87 -7.36 4.52
CA LEU B 116 13.21 -7.40 5.06
C LEU B 116 13.10 -8.13 6.39
N PRO B 117 14.21 -8.51 7.03
CA PRO B 117 14.08 -9.20 8.33
C PRO B 117 13.37 -8.33 9.36
N ALA B 118 12.89 -8.98 10.42
CA ALA B 118 12.04 -8.30 11.39
C ALA B 118 12.71 -7.03 11.90
N ALA B 119 11.97 -5.93 11.88
CA ALA B 119 12.51 -4.63 12.26
C ALA B 119 11.50 -3.90 13.12
N THR B 120 11.96 -3.42 14.28
CA THR B 120 11.13 -2.71 15.23
C THR B 120 11.39 -1.22 15.14
N SER B 121 10.31 -0.44 15.04
CA SER B 121 10.36 1.02 14.99
C SER B 121 9.83 1.57 16.31
N THR B 122 10.71 2.19 17.11
CA THR B 122 10.30 2.83 18.36
C THR B 122 9.85 4.24 18.10
N GLU B 123 8.61 4.54 18.48
CA GLU B 123 7.97 5.81 18.16
C GLU B 123 7.52 6.47 19.46
N ARG B 124 7.69 7.79 19.55
CA ARG B 124 7.38 8.54 20.76
C ARG B 124 6.18 9.43 20.51
N LEU B 125 5.22 9.42 21.45
CA LEU B 125 4.06 10.32 21.35
C LEU B 125 4.48 11.76 21.67
N ASP B 126 4.29 12.65 20.70
CA ASP B 126 4.77 14.04 20.81
C ASP B 126 3.68 15.01 21.22
N ILE B 127 2.46 14.81 20.74
CA ILE B 127 1.34 15.72 20.96
C ILE B 127 0.10 14.89 21.20
N LEU B 128 -0.71 15.31 22.18
CA LEU B 128 -2.01 14.67 22.41
C LEU B 128 -2.97 15.77 22.89
N ASP B 129 -3.64 16.41 21.95
CA ASP B 129 -4.45 17.59 22.24
C ASP B 129 -5.91 17.21 21.99
N ASP B 130 -6.63 16.90 23.08
CA ASP B 130 -8.02 16.48 22.94
C ASP B 130 -8.95 17.64 22.61
N ASP B 131 -8.55 18.88 22.92
CA ASP B 131 -9.39 20.04 22.61
C ASP B 131 -9.39 20.36 21.13
N ARG B 132 -8.21 20.35 20.49
CA ARG B 132 -8.12 20.66 19.07
C ARG B 132 -8.10 19.41 18.20
N GLN B 133 -8.03 18.22 18.80
CA GLN B 133 -7.97 16.93 18.11
C GLN B 133 -6.75 16.87 17.18
N VAL B 134 -5.57 16.99 17.82
CA VAL B 134 -4.27 16.95 17.16
C VAL B 134 -3.40 15.95 17.90
N THR B 135 -2.71 15.10 17.16
CA THR B 135 -1.73 14.20 17.76
C THR B 135 -0.52 14.11 16.85
N GLY B 136 0.57 13.59 17.37
CA GLY B 136 1.75 13.45 16.54
C GLY B 136 2.78 12.57 17.21
N PHE B 137 3.74 12.11 16.40
CA PHE B 137 4.75 11.22 16.93
C PHE B 137 6.06 11.44 16.20
N SER B 138 7.14 10.92 16.80
CA SER B 138 8.48 10.93 16.24
C SER B 138 9.02 9.51 16.22
N ILE B 139 9.74 9.14 15.17
CA ILE B 139 10.45 7.86 15.16
C ILE B 139 11.82 8.11 15.78
N ILE B 140 12.10 7.43 16.88
CA ILE B 140 13.34 7.65 17.60
C ILE B 140 14.33 6.51 17.42
N GLY B 141 13.90 5.36 16.90
CA GLY B 141 14.81 4.30 16.53
C GLY B 141 14.16 3.26 15.65
N GLY B 142 14.98 2.60 14.82
CA GLY B 142 14.59 1.38 14.14
C GLY B 142 14.05 1.47 12.71
N GLU B 143 13.73 2.67 12.20
CA GLU B 143 13.29 2.81 10.81
C GLU B 143 14.36 3.56 10.02
N HIS B 144 15.01 2.86 9.10
CA HIS B 144 16.17 3.39 8.40
C HIS B 144 15.81 4.10 7.11
N ARG B 145 14.71 3.71 6.46
CA ARG B 145 14.20 4.47 5.32
C ARG B 145 13.77 5.87 5.74
N LEU B 146 13.29 6.03 6.97
CA LEU B 146 12.70 7.28 7.45
C LEU B 146 13.42 7.71 8.73
N ARG B 147 14.67 8.16 8.58
CA ARG B 147 15.44 8.65 9.71
C ARG B 147 14.88 9.98 10.20
N ASN B 148 14.67 10.08 11.51
CA ASN B 148 14.20 11.31 12.16
C ASN B 148 12.83 11.75 11.63
N TYR B 149 12.01 10.78 11.29
CA TYR B 149 10.64 11.03 10.88
C TYR B 149 9.85 11.67 12.04
N ARG B 150 9.10 12.71 11.74
CA ARG B 150 8.19 13.30 12.72
C ARG B 150 6.92 13.69 11.99
N SER B 151 5.79 13.45 12.63
CA SER B 151 4.51 13.55 11.93
C SER B 151 3.46 14.15 12.86
N VAL B 152 2.48 14.83 12.26
CA VAL B 152 1.38 15.44 12.98
C VAL B 152 0.09 15.13 12.23
N THR B 153 -0.94 14.73 12.96
CA THR B 153 -2.26 14.51 12.38
C THR B 153 -3.27 15.40 13.10
N SER B 154 -4.10 16.12 12.35
CA SER B 154 -5.16 16.92 12.95
C SER B 154 -6.49 16.60 12.30
N VAL B 155 -7.57 16.69 13.09
CA VAL B 155 -8.93 16.31 12.67
C VAL B 155 -9.83 17.54 12.68
N HIS B 156 -10.66 17.68 11.65
CA HIS B 156 -11.43 18.91 11.46
C HIS B 156 -12.86 18.59 11.03
N GLY B 157 -13.84 18.99 11.84
CA GLY B 157 -15.23 18.74 11.50
C GLY B 157 -15.86 19.93 10.80
N PHE B 158 -16.65 19.63 9.75
CA PHE B 158 -17.41 20.63 9.00
C PHE B 158 -18.88 20.23 9.04
N ASN B 159 -19.76 21.19 9.28
CA ASN B 159 -21.20 20.97 9.14
C ASN B 159 -21.63 21.22 7.70
N ARG B 160 -22.15 20.18 7.04
CA ARG B 160 -22.60 20.28 5.65
C ARG B 160 -23.99 19.69 5.56
N ASP B 161 -24.99 20.56 5.48
CA ASP B 161 -26.39 20.17 5.26
C ASP B 161 -26.81 19.06 6.22
N GLY B 162 -26.66 19.34 7.52
CA GLY B 162 -27.14 18.48 8.56
C GLY B 162 -26.27 17.28 8.91
N ALA B 163 -25.13 17.08 8.25
CA ALA B 163 -24.24 15.98 8.60
C ALA B 163 -22.82 16.50 8.76
N ILE B 164 -22.03 15.80 9.59
CA ILE B 164 -20.62 16.17 9.76
C ILE B 164 -19.77 15.56 8.65
N CYS B 165 -18.96 16.40 8.02
CA CYS B 165 -17.90 15.96 7.12
C CYS B 165 -16.58 16.27 7.79
N THR B 166 -15.69 15.28 7.87
CA THR B 166 -14.40 15.43 8.53
C THR B 166 -13.28 15.51 7.50
N VAL B 167 -12.34 16.42 7.71
CA VAL B 167 -11.08 16.41 6.97
C VAL B 167 -9.95 16.05 7.94
N VAL B 168 -9.12 15.10 7.55
CA VAL B 168 -7.89 14.80 8.29
C VAL B 168 -6.73 15.41 7.53
N LEU B 169 -5.86 16.11 8.25
CA LEU B 169 -4.61 16.63 7.70
C LEU B 169 -3.49 15.83 8.34
N GLU B 170 -2.56 15.35 7.51
CA GLU B 170 -1.41 14.63 8.06
C GLU B 170 -0.16 15.13 7.37
N SER B 171 0.81 15.56 8.16
CA SER B 171 2.06 16.08 7.63
C SER B 171 3.23 15.32 8.24
N TYR B 172 4.39 15.45 7.62
CA TYR B 172 5.59 14.86 8.20
C TYR B 172 6.79 15.67 7.76
N VAL B 173 7.88 15.49 8.47
CA VAL B 173 9.20 15.92 8.04
C VAL B 173 10.11 14.71 8.21
N VAL B 174 11.11 14.56 7.34
CA VAL B 174 11.97 13.39 7.39
C VAL B 174 13.32 13.72 6.73
N ASP B 175 14.35 13.00 7.13
CA ASP B 175 15.66 13.11 6.52
C ASP B 175 15.67 12.45 5.15
N VAL B 176 16.38 13.04 4.20
CA VAL B 176 16.64 12.39 2.92
C VAL B 176 17.94 11.61 3.07
N PRO B 177 17.91 10.27 2.98
CA PRO B 177 19.15 9.50 3.16
C PRO B 177 20.16 9.86 2.07
N GLU B 178 21.45 9.68 2.40
CA GLU B 178 22.49 9.88 1.41
C GLU B 178 22.39 8.81 0.33
N GLY B 179 22.54 9.23 -0.91
CA GLY B 179 22.27 8.36 -2.03
C GLY B 179 20.83 8.33 -2.48
N ASN B 180 19.93 9.01 -1.77
CA ASN B 180 18.56 9.20 -2.20
C ASN B 180 18.38 10.60 -2.77
N THR B 181 17.39 10.74 -3.63
CA THR B 181 16.94 12.06 -4.03
C THR B 181 15.78 12.46 -3.15
N GLU B 182 15.54 13.77 -3.04
CA GLU B 182 14.40 14.22 -2.25
C GLU B 182 13.11 13.69 -2.86
N GLU B 183 13.01 13.75 -4.20
CA GLU B 183 11.82 13.27 -4.89
C GLU B 183 11.53 11.82 -4.54
N ASP B 184 12.56 10.98 -4.47
CA ASP B 184 12.36 9.57 -4.15
C ASP B 184 11.81 9.41 -2.74
N THR B 185 12.40 10.11 -1.77
CA THR B 185 11.96 9.99 -0.38
C THR B 185 10.54 10.50 -0.21
N ARG B 186 10.25 11.67 -0.78
CA ARG B 186 8.91 12.25 -0.65
C ARG B 186 7.87 11.35 -1.31
N LEU B 187 8.16 10.85 -2.51
CA LEU B 187 7.22 9.98 -3.20
C LEU B 187 6.90 8.73 -2.37
N PHE B 188 7.91 8.15 -1.72
CA PHE B 188 7.66 6.99 -0.88
C PHE B 188 6.81 7.37 0.33
N ALA B 189 7.25 8.38 1.09
CA ALA B 189 6.54 8.75 2.30
C ALA B 189 5.11 9.20 1.99
N ASP B 190 4.93 9.97 0.92
CA ASP B 190 3.59 10.41 0.53
C ASP B 190 2.70 9.23 0.15
N THR B 191 3.25 8.24 -0.55
CA THR B 191 2.42 7.10 -0.93
C THR B 191 1.94 6.35 0.32
N VAL B 192 2.82 6.15 1.30
CA VAL B 192 2.42 5.45 2.52
C VAL B 192 1.31 6.20 3.23
N VAL B 193 1.47 7.52 3.42
CA VAL B 193 0.45 8.31 4.13
C VAL B 193 -0.89 8.27 3.40
N LYS B 194 -0.86 8.43 2.06
CA LYS B 194 -2.10 8.43 1.30
C LYS B 194 -2.83 7.10 1.44
N LEU B 195 -2.10 6.00 1.36
CA LEU B 195 -2.72 4.68 1.52
C LEU B 195 -3.27 4.51 2.93
N ASN B 196 -2.53 4.97 3.94
CA ASN B 196 -3.02 4.84 5.31
C ASN B 196 -4.28 5.67 5.53
N LEU B 197 -4.33 6.87 4.95
CA LEU B 197 -5.54 7.68 5.04
C LEU B 197 -6.73 7.01 4.37
N GLN B 198 -6.50 6.28 3.27
CA GLN B 198 -7.58 5.50 2.66
C GLN B 198 -8.07 4.41 3.61
N LYS B 199 -7.16 3.77 4.33
CA LYS B 199 -7.59 2.77 5.30
C LYS B 199 -8.40 3.41 6.43
N LEU B 200 -7.99 4.60 6.87
CA LEU B 200 -8.76 5.33 7.89
C LEU B 200 -10.19 5.60 7.43
N VAL B 201 -10.36 5.98 6.17
CA VAL B 201 -11.70 6.16 5.60
C VAL B 201 -12.52 4.88 5.77
N SER B 202 -11.96 3.74 5.39
CA SER B 202 -12.71 2.49 5.44
C SER B 202 -13.10 2.13 6.87
N VAL B 203 -12.24 2.42 7.84
CA VAL B 203 -12.53 2.07 9.22
C VAL B 203 -13.55 3.03 9.83
N ALA B 204 -13.43 4.33 9.54
CA ALA B 204 -14.28 5.34 10.18
C ALA B 204 -15.68 5.41 9.58
N GLU B 205 -15.81 5.26 8.27
CA GLU B 205 -17.11 5.40 7.63
C GLU B 205 -17.96 4.16 7.86
N SER B 206 -19.28 4.36 7.89
CA SER B 206 -20.21 3.31 8.27
C SER B 206 -20.92 2.73 7.05
#